data_1HVQ
#
_entry.id   1HVQ
#
_cell.length_a   52.300
_cell.length_b   57.360
_cell.length_c   82.680
_cell.angle_alpha   90.00
_cell.angle_beta   90.00
_cell.angle_gamma   90.00
#
_symmetry.space_group_name_H-M   'P 21 21 21'
#
loop_
_entity.id
_entity.type
_entity.pdbx_description
1 polymer 'HEVAMINE A'
2 branched 2-acetamido-2-deoxy-beta-D-glucopyranose-(1-4)-2-acetamido-2-deoxy-beta-D-glucopyranose-(1-4)-2-acetamido-2-deoxy-beta-D-glucopyranose
3 water water
#
_entity_poly.entity_id   1
_entity_poly.type   'polypeptide(L)'
_entity_poly.pdbx_seq_one_letter_code
;GGIAIYWGQNGNEGTLTQTCSTRKYSYVNIAFLNKFGNGQTPQINLAGHCNPAAGGCTIVSNGIRSCQIQGIKVMLSLGG
GIGSYTLASQADAKNVADYLWNNFLGGKSSSRPLGDAVLDGIDFDIEHGSTLYWDDLARYLSAYSKQGKKVYLTAAPQCP
FPDRYLGTALNTGLFDYVWVQFYNNPPCQYSSGNINNIINSWNRWTTSINAGKIFLGLPAAPEAAGSGYVPPDVLISRIL
PEIKKSPKYGGVMLWSKFYDDKNGYSSSILDSV
;
_entity_poly.pdbx_strand_id   A
#
loop_
_chem_comp.id
_chem_comp.type
_chem_comp.name
_chem_comp.formula
NAG D-saccharide, beta linking 2-acetamido-2-deoxy-beta-D-glucopyranose 'C8 H15 N O6'
#
# COMPACT_ATOMS: atom_id res chain seq x y z
N GLY A 1 -6.51 14.45 -7.28
CA GLY A 1 -5.42 13.75 -6.68
C GLY A 1 -4.97 12.69 -7.69
N GLY A 2 -4.43 11.54 -7.25
CA GLY A 2 -3.93 10.49 -8.13
C GLY A 2 -4.41 9.11 -7.68
N ILE A 3 -4.04 8.05 -8.42
CA ILE A 3 -4.42 6.66 -8.17
C ILE A 3 -3.19 5.98 -7.61
N ALA A 4 -3.29 5.33 -6.43
CA ALA A 4 -2.23 4.47 -5.93
C ALA A 4 -2.55 3.04 -6.39
N ILE A 5 -1.62 2.17 -6.77
CA ILE A 5 -1.95 0.82 -7.26
C ILE A 5 -1.00 -0.19 -6.62
N TYR A 6 -1.50 -1.40 -6.36
CA TYR A 6 -0.74 -2.54 -5.86
C TYR A 6 -0.38 -3.42 -7.04
N TRP A 7 0.91 -3.68 -7.06
CA TRP A 7 1.44 -4.50 -8.12
C TRP A 7 2.25 -5.60 -7.47
N GLY A 8 2.29 -6.77 -8.09
CA GLY A 8 3.23 -7.81 -7.71
C GLY A 8 2.59 -9.18 -7.45
N GLN A 9 1.24 -9.30 -7.39
CA GLN A 9 0.60 -10.55 -7.03
C GLN A 9 -0.07 -11.36 -8.10
N ASN A 10 0.17 -11.01 -9.36
CA ASN A 10 -0.27 -11.83 -10.44
C ASN A 10 0.75 -11.63 -11.51
N GLY A 11 1.36 -12.75 -11.91
CA GLY A 11 2.43 -12.77 -12.89
C GLY A 11 2.00 -12.29 -14.27
N ASN A 12 0.72 -12.31 -14.64
CA ASN A 12 0.29 -11.89 -15.96
C ASN A 12 -0.11 -10.42 -15.98
N GLU A 13 0.25 -9.61 -14.98
CA GLU A 13 -0.18 -8.23 -14.98
C GLU A 13 0.83 -7.26 -15.64
N GLY A 14 1.97 -7.71 -16.18
CA GLY A 14 2.90 -6.79 -16.78
C GLY A 14 3.99 -6.45 -15.80
N THR A 15 5.11 -5.97 -16.36
CA THR A 15 6.26 -5.55 -15.58
C THR A 15 5.96 -4.23 -14.85
N LEU A 16 6.85 -3.89 -13.94
CA LEU A 16 6.73 -2.69 -13.14
C LEU A 16 6.92 -1.53 -14.12
N THR A 17 7.90 -1.62 -15.03
CA THR A 17 8.05 -0.62 -16.08
C THR A 17 6.75 -0.53 -16.90
N GLN A 18 6.07 -1.62 -17.29
CA GLN A 18 4.83 -1.46 -18.06
C GLN A 18 3.79 -0.73 -17.23
N THR A 19 3.60 -1.12 -15.97
CA THR A 19 2.74 -0.43 -15.03
C THR A 19 3.07 1.08 -14.92
N CYS A 20 4.27 1.56 -14.62
CA CYS A 20 4.54 3.01 -14.57
C CYS A 20 4.31 3.76 -15.89
N SER A 21 4.60 3.11 -17.03
CA SER A 21 4.45 3.73 -18.33
C SER A 21 3.01 3.93 -18.76
N THR A 22 2.10 3.38 -17.99
CA THR A 22 0.68 3.55 -18.21
C THR A 22 0.26 5.03 -18.06
N ARG A 23 0.95 5.76 -17.17
CA ARG A 23 0.68 7.15 -16.84
C ARG A 23 -0.66 7.28 -16.11
N LYS A 24 -1.17 6.19 -15.51
CA LYS A 24 -2.41 6.25 -14.73
C LYS A 24 -2.19 6.35 -13.23
N TYR A 25 -1.01 5.94 -12.75
CA TYR A 25 -0.77 5.80 -11.32
C TYR A 25 0.30 6.79 -10.88
N SER A 26 0.19 7.24 -9.65
CA SER A 26 1.13 8.17 -9.06
C SER A 26 1.94 7.48 -7.98
N TYR A 27 1.47 6.33 -7.50
CA TYR A 27 2.06 5.61 -6.37
C TYR A 27 1.95 4.14 -6.70
N VAL A 28 3.03 3.36 -6.56
CA VAL A 28 2.96 1.94 -6.76
C VAL A 28 3.50 1.28 -5.50
N ASN A 29 2.66 0.37 -4.95
CA ASN A 29 3.00 -0.38 -3.75
C ASN A 29 3.33 -1.76 -4.27
N ILE A 30 4.53 -2.24 -4.01
CA ILE A 30 5.01 -3.55 -4.46
C ILE A 30 4.57 -4.56 -3.40
N ALA A 31 3.82 -5.50 -3.88
CA ALA A 31 3.15 -6.42 -3.03
C ALA A 31 3.70 -7.83 -2.85
N PHE A 32 4.14 -7.59 -1.62
CA PHE A 32 4.50 -8.31 -0.43
C PHE A 32 5.74 -9.03 -0.04
N LEU A 33 6.23 -8.38 1.01
CA LEU A 33 7.24 -8.95 1.85
C LEU A 33 6.21 -9.48 2.87
N ASN A 34 5.92 -10.78 2.74
CA ASN A 34 4.86 -11.44 3.51
C ASN A 34 5.30 -12.33 4.68
N LYS A 35 6.63 -12.51 4.84
CA LYS A 35 7.24 -13.29 5.89
C LYS A 35 8.39 -12.52 6.54
N PHE A 36 8.37 -12.26 7.83
CA PHE A 36 9.42 -11.54 8.54
C PHE A 36 8.95 -11.61 9.99
N GLY A 37 9.84 -11.27 10.89
CA GLY A 37 9.54 -11.23 12.29
C GLY A 37 9.81 -12.57 12.92
N ASN A 38 10.14 -12.54 14.21
CA ASN A 38 10.23 -13.74 15.05
C ASN A 38 11.39 -14.64 14.69
N GLY A 39 12.49 -14.04 14.25
CA GLY A 39 13.69 -14.75 13.81
C GLY A 39 13.54 -15.32 12.40
N GLN A 40 12.41 -15.25 11.71
CA GLN A 40 12.35 -15.72 10.34
C GLN A 40 13.22 -14.85 9.45
N THR A 41 13.78 -15.47 8.42
CA THR A 41 14.51 -14.77 7.39
C THR A 41 13.39 -14.13 6.54
N PRO A 42 13.43 -12.82 6.21
CA PRO A 42 12.36 -12.14 5.49
C PRO A 42 12.27 -12.67 4.10
N GLN A 43 11.09 -12.83 3.53
CA GLN A 43 10.99 -13.25 2.15
C GLN A 43 9.93 -12.43 1.47
N ILE A 44 10.24 -12.08 0.26
CA ILE A 44 9.39 -11.29 -0.60
C ILE A 44 8.68 -12.31 -1.47
N ASN A 45 7.43 -12.05 -1.79
CA ASN A 45 6.67 -12.93 -2.66
C ASN A 45 6.13 -12.07 -3.79
N LEU A 46 6.52 -12.30 -5.03
CA LEU A 46 5.97 -11.55 -6.14
C LEU A 46 5.34 -12.46 -7.18
N ALA A 47 4.63 -13.49 -6.66
CA ALA A 47 3.87 -14.45 -7.46
C ALA A 47 4.71 -14.99 -8.61
N GLY A 48 4.21 -14.98 -9.86
CA GLY A 48 4.95 -15.51 -11.00
C GLY A 48 5.88 -14.50 -11.64
N HIS A 49 6.03 -13.27 -11.12
CA HIS A 49 6.92 -12.29 -11.75
C HIS A 49 8.36 -12.79 -11.72
N CYS A 50 8.86 -13.31 -10.59
CA CYS A 50 10.25 -13.72 -10.49
C CYS A 50 10.42 -14.53 -9.22
N ASN A 51 11.46 -15.34 -9.07
CA ASN A 51 11.67 -16.04 -7.82
C ASN A 51 12.85 -15.28 -7.22
N PRO A 52 12.77 -14.74 -6.02
CA PRO A 52 13.87 -13.95 -5.46
C PRO A 52 15.17 -14.69 -5.18
N ALA A 53 15.29 -16.04 -5.21
CA ALA A 53 16.57 -16.73 -5.00
C ALA A 53 17.64 -16.36 -6.04
N ALA A 54 18.88 -16.24 -5.60
CA ALA A 54 20.06 -15.90 -6.42
C ALA A 54 19.89 -14.61 -7.22
N GLY A 55 19.10 -13.70 -6.64
CA GLY A 55 18.84 -12.42 -7.26
C GLY A 55 17.93 -12.56 -8.49
N GLY A 56 16.91 -13.44 -8.51
CA GLY A 56 15.98 -13.50 -9.63
C GLY A 56 15.11 -12.23 -9.76
N CYS A 57 14.75 -11.60 -8.62
CA CYS A 57 13.91 -10.42 -8.61
C CYS A 57 14.69 -9.09 -8.70
N THR A 58 15.99 -9.17 -8.93
CA THR A 58 16.86 -8.01 -9.00
C THR A 58 16.58 -7.20 -10.28
N ILE A 59 15.90 -7.80 -11.26
CA ILE A 59 15.54 -7.09 -12.47
C ILE A 59 14.51 -5.99 -12.14
N VAL A 60 13.74 -6.14 -11.04
CA VAL A 60 12.74 -5.17 -10.62
C VAL A 60 13.33 -3.76 -10.40
N SER A 61 14.63 -3.56 -10.07
CA SER A 61 15.21 -2.24 -9.96
C SER A 61 15.11 -1.40 -11.21
N ASN A 62 14.89 -2.02 -12.37
CA ASN A 62 14.72 -1.30 -13.63
C ASN A 62 13.39 -0.54 -13.67
N GLY A 63 12.33 -1.29 -13.31
CA GLY A 63 11.01 -0.74 -13.19
C GLY A 63 10.97 0.31 -12.09
N ILE A 64 11.63 0.15 -10.95
CA ILE A 64 11.66 1.15 -9.88
C ILE A 64 12.34 2.40 -10.38
N ARG A 65 13.48 2.35 -11.09
CA ARG A 65 14.14 3.52 -11.65
C ARG A 65 13.23 4.20 -12.66
N SER A 66 12.63 3.46 -13.59
CA SER A 66 11.67 4.01 -14.55
C SER A 66 10.50 4.77 -13.93
N CYS A 67 9.94 4.23 -12.84
CA CYS A 67 8.81 4.86 -12.21
C CYS A 67 9.22 6.14 -11.54
N GLN A 68 10.38 6.11 -10.90
CA GLN A 68 10.89 7.24 -10.14
C GLN A 68 11.24 8.41 -11.06
N ILE A 69 11.91 8.16 -12.21
CA ILE A 69 12.19 9.24 -13.13
C ILE A 69 10.91 9.88 -13.63
N GLN A 70 9.74 9.24 -13.52
CA GLN A 70 8.51 9.88 -13.94
C GLN A 70 7.80 10.45 -12.72
N GLY A 71 8.52 10.66 -11.61
CA GLY A 71 7.94 11.16 -10.39
C GLY A 71 6.92 10.23 -9.73
N ILE A 72 6.85 8.92 -10.02
CA ILE A 72 5.94 7.97 -9.33
C ILE A 72 6.65 7.55 -8.06
N LYS A 73 5.97 7.55 -6.92
CA LYS A 73 6.51 7.07 -5.63
C LYS A 73 6.35 5.54 -5.55
N VAL A 74 7.33 4.79 -5.06
CA VAL A 74 7.32 3.33 -5.06
C VAL A 74 7.69 2.84 -3.67
N MET A 75 6.71 2.20 -3.01
CA MET A 75 6.82 1.62 -1.67
C MET A 75 6.85 0.09 -1.67
N LEU A 76 7.48 -0.57 -0.72
CA LEU A 76 7.46 -2.00 -0.57
C LEU A 76 6.37 -2.24 0.47
N SER A 77 5.37 -3.04 0.12
CA SER A 77 4.28 -3.36 1.05
C SER A 77 4.60 -4.62 1.88
N LEU A 78 4.43 -4.42 3.18
CA LEU A 78 4.61 -5.42 4.20
C LEU A 78 3.24 -6.02 4.45
N GLY A 79 3.16 -7.33 4.65
CA GLY A 79 1.88 -7.95 4.99
C GLY A 79 1.14 -8.66 3.89
N GLY A 80 -0.11 -8.28 3.75
CA GLY A 80 -1.00 -8.89 2.79
C GLY A 80 -1.86 -9.94 3.47
N GLY A 81 -2.79 -10.45 2.69
CA GLY A 81 -3.72 -11.45 3.21
C GLY A 81 -3.05 -12.77 3.63
N ILE A 82 -1.95 -13.24 3.04
CA ILE A 82 -1.38 -14.54 3.29
C ILE A 82 0.06 -14.39 3.82
N GLY A 83 0.41 -14.81 5.04
CA GLY A 83 1.79 -14.85 5.42
C GLY A 83 2.02 -14.90 6.90
N SER A 84 3.16 -15.47 7.25
CA SER A 84 3.61 -15.46 8.64
C SER A 84 4.45 -14.24 8.97
N TYR A 85 3.86 -13.09 9.10
CA TYR A 85 4.62 -11.92 9.46
C TYR A 85 4.13 -11.62 10.85
N THR A 86 4.97 -11.06 11.69
CA THR A 86 4.58 -10.69 13.05
C THR A 86 5.73 -9.92 13.65
N LEU A 87 5.56 -9.20 14.75
CA LEU A 87 6.70 -8.66 15.47
C LEU A 87 6.42 -9.23 16.86
N ALA A 88 7.50 -9.84 17.36
CA ALA A 88 7.53 -10.52 18.64
C ALA A 88 7.96 -9.65 19.83
N SER A 89 8.58 -8.50 19.55
CA SER A 89 9.07 -7.61 20.60
C SER A 89 9.43 -6.29 19.95
N GLN A 90 9.84 -5.33 20.79
CA GLN A 90 10.33 -4.03 20.33
C GLN A 90 11.69 -4.29 19.66
N ALA A 91 12.47 -5.22 20.21
CA ALA A 91 13.75 -5.59 19.60
C ALA A 91 13.55 -6.08 18.18
N ASP A 92 12.47 -6.82 17.93
CA ASP A 92 12.21 -7.38 16.62
C ASP A 92 11.89 -6.25 15.66
N ALA A 93 11.20 -5.20 16.16
CA ALA A 93 10.86 -4.02 15.37
C ALA A 93 12.18 -3.36 14.94
N LYS A 94 13.15 -3.23 15.85
CA LYS A 94 14.42 -2.65 15.49
C LYS A 94 15.12 -3.49 14.42
N ASN A 95 15.17 -4.79 14.62
CA ASN A 95 15.84 -5.69 13.70
C ASN A 95 15.16 -5.65 12.36
N VAL A 96 13.83 -5.55 12.30
CA VAL A 96 13.19 -5.58 11.01
C VAL A 96 13.44 -4.23 10.32
N ALA A 97 13.33 -3.05 10.99
CA ALA A 97 13.63 -1.72 10.43
C ALA A 97 15.03 -1.69 9.78
N ASP A 98 16.01 -2.21 10.53
CA ASP A 98 17.35 -2.45 10.07
C ASP A 98 17.47 -3.21 8.78
N TYR A 99 16.87 -4.38 8.70
CA TYR A 99 16.89 -5.20 7.51
C TYR A 99 16.31 -4.43 6.34
N LEU A 100 15.18 -3.73 6.55
CA LEU A 100 14.47 -3.00 5.50
C LEU A 100 15.25 -1.81 4.95
N TRP A 101 15.95 -1.10 5.85
CA TRP A 101 16.86 -0.01 5.55
C TRP A 101 17.96 -0.44 4.59
N ASN A 102 18.70 -1.43 5.04
CA ASN A 102 19.82 -1.92 4.29
C ASN A 102 19.46 -2.70 3.04
N ASN A 103 18.30 -3.36 2.95
CA ASN A 103 17.95 -4.14 1.79
C ASN A 103 17.02 -3.52 0.80
N PHE A 104 16.34 -2.45 1.20
CA PHE A 104 15.40 -1.83 0.28
C PHE A 104 15.53 -0.34 0.14
N LEU A 105 16.01 0.32 1.19
CA LEU A 105 16.14 1.76 1.27
C LEU A 105 17.63 2.17 1.19
N GLY A 106 18.13 3.19 1.90
CA GLY A 106 19.49 3.68 1.72
C GLY A 106 20.63 2.99 2.45
N GLY A 107 20.47 1.86 3.15
CA GLY A 107 21.58 1.25 3.84
C GLY A 107 22.27 0.34 2.88
N LYS A 108 23.01 -0.66 3.30
CA LYS A 108 23.70 -1.46 2.31
C LYS A 108 23.70 -2.95 2.59
N SER A 109 23.47 -3.74 1.55
CA SER A 109 23.49 -5.17 1.68
C SER A 109 23.94 -5.72 0.34
N SER A 110 24.72 -6.80 0.42
CA SER A 110 25.15 -7.57 -0.73
C SER A 110 23.95 -8.29 -1.36
N SER A 111 22.94 -8.55 -0.56
CA SER A 111 21.84 -9.37 -1.04
C SER A 111 20.52 -8.63 -1.16
N ARG A 112 20.52 -7.39 -1.70
CA ARG A 112 19.28 -6.63 -1.85
C ARG A 112 18.40 -7.37 -2.84
N PRO A 113 17.17 -7.75 -2.40
CA PRO A 113 16.25 -8.62 -3.15
C PRO A 113 15.71 -8.02 -4.42
N LEU A 114 15.27 -6.78 -4.44
CA LEU A 114 14.76 -6.20 -5.65
C LEU A 114 15.85 -5.42 -6.35
N GLY A 115 17.12 -5.50 -5.89
CA GLY A 115 18.22 -4.92 -6.61
C GLY A 115 18.74 -3.66 -5.96
N ASP A 116 19.41 -2.82 -6.76
CA ASP A 116 20.07 -1.65 -6.25
C ASP A 116 19.25 -0.40 -6.08
N ALA A 117 18.06 -0.30 -6.69
CA ALA A 117 17.25 0.90 -6.50
C ALA A 117 16.86 1.12 -5.03
N VAL A 118 16.63 2.37 -4.64
CA VAL A 118 16.25 2.71 -3.30
C VAL A 118 14.79 3.08 -3.48
N LEU A 119 13.95 2.39 -2.71
CA LEU A 119 12.52 2.60 -2.73
C LEU A 119 12.27 3.86 -1.94
N ASP A 120 11.11 4.43 -2.18
CA ASP A 120 10.70 5.65 -1.54
C ASP A 120 10.22 5.48 -0.11
N GLY A 121 9.70 4.31 0.26
CA GLY A 121 9.26 4.06 1.62
C GLY A 121 8.62 2.70 1.74
N ILE A 122 7.95 2.50 2.86
CA ILE A 122 7.42 1.21 3.28
C ILE A 122 5.92 1.38 3.46
N ASP A 123 5.11 0.47 2.92
CA ASP A 123 3.66 0.46 3.09
C ASP A 123 3.25 -0.60 4.15
N PHE A 124 2.38 -0.28 5.09
CA PHE A 124 1.93 -1.25 6.08
C PHE A 124 0.58 -1.83 5.71
N ASP A 125 0.52 -3.04 5.13
CA ASP A 125 -0.73 -3.76 4.89
C ASP A 125 -0.83 -4.94 5.88
N ILE A 126 -0.81 -4.59 7.18
CA ILE A 126 -0.87 -5.53 8.28
C ILE A 126 -2.33 -5.95 8.51
N GLU A 127 -2.66 -7.21 8.19
CA GLU A 127 -4.03 -7.72 8.34
C GLU A 127 -4.31 -8.75 9.41
N HIS A 128 -3.30 -9.41 9.97
CA HIS A 128 -3.49 -10.42 10.99
C HIS A 128 -2.19 -10.58 11.75
N GLY A 129 -2.15 -11.29 12.89
CA GLY A 129 -0.89 -11.50 13.59
C GLY A 129 -0.84 -10.68 14.83
N SER A 130 0.26 -10.07 15.29
CA SER A 130 0.19 -9.34 16.54
C SER A 130 -0.33 -7.96 16.22
N THR A 131 -0.94 -7.33 17.22
CA THR A 131 -1.39 -5.98 17.04
C THR A 131 -0.30 -5.07 17.64
N LEU A 132 0.80 -5.71 18.05
CA LEU A 132 1.84 -5.02 18.79
C LEU A 132 3.07 -4.73 17.94
N TYR A 133 3.69 -3.62 18.38
CA TYR A 133 4.97 -3.09 17.94
C TYR A 133 5.04 -2.42 16.58
N TRP A 134 3.94 -2.34 15.86
CA TRP A 134 3.95 -1.67 14.57
C TRP A 134 4.22 -0.17 14.68
N ASP A 135 3.78 0.42 15.79
CA ASP A 135 4.12 1.79 16.05
C ASP A 135 5.62 1.95 16.26
N ASP A 136 6.29 1.00 16.87
CA ASP A 136 7.74 1.05 17.02
C ASP A 136 8.39 0.84 15.68
N LEU A 137 7.92 -0.08 14.84
CA LEU A 137 8.50 -0.24 13.52
C LEU A 137 8.47 1.08 12.74
N ALA A 138 7.34 1.82 12.75
CA ALA A 138 7.22 3.10 12.07
C ALA A 138 8.19 4.15 12.64
N ARG A 139 8.43 4.19 13.94
CA ARG A 139 9.39 5.11 14.50
C ARG A 139 10.82 4.78 14.09
N TYR A 140 11.18 3.50 14.06
CA TYR A 140 12.56 3.16 13.74
C TYR A 140 12.82 3.44 12.28
N LEU A 141 11.87 3.18 11.38
CA LEU A 141 12.01 3.52 9.98
C LEU A 141 12.04 5.06 9.79
N SER A 142 11.28 5.90 10.51
CA SER A 142 11.34 7.35 10.36
C SER A 142 12.72 7.89 10.70
N ALA A 143 13.29 7.47 11.83
CA ALA A 143 14.61 7.85 12.30
C ALA A 143 15.73 7.71 11.26
N TYR A 144 15.57 6.84 10.25
CA TYR A 144 16.52 6.69 9.18
C TYR A 144 16.52 7.86 8.23
N SER A 145 15.41 8.56 8.08
CA SER A 145 15.35 9.81 7.32
C SER A 145 16.36 10.83 7.85
N LYS A 146 16.75 10.78 9.13
CA LYS A 146 17.76 11.68 9.70
C LYS A 146 19.11 11.48 9.02
N GLN A 147 19.37 10.32 8.43
CA GLN A 147 20.54 10.12 7.61
C GLN A 147 20.02 10.49 6.22
N GLY A 148 19.84 11.80 6.07
CA GLY A 148 19.54 12.49 4.84
C GLY A 148 18.36 12.16 3.91
N LYS A 149 18.01 10.94 3.47
CA LYS A 149 16.92 10.81 2.49
C LYS A 149 15.65 10.32 3.16
N LYS A 150 14.54 10.96 2.81
CA LYS A 150 13.23 10.69 3.38
C LYS A 150 12.65 9.32 3.06
N VAL A 151 12.32 8.60 4.12
CA VAL A 151 11.58 7.34 4.07
C VAL A 151 10.08 7.63 4.24
N TYR A 152 9.33 7.39 3.20
CA TYR A 152 7.88 7.50 3.22
C TYR A 152 7.20 6.35 3.96
N LEU A 153 6.16 6.66 4.69
CA LEU A 153 5.46 5.66 5.46
C LEU A 153 4.05 5.66 4.96
N THR A 154 3.54 4.59 4.39
CA THR A 154 2.13 4.53 4.07
C THR A 154 1.46 3.36 4.81
N ALA A 155 0.14 3.32 4.83
CA ALA A 155 -0.60 2.27 5.50
C ALA A 155 -1.89 2.02 4.74
N ALA A 156 -2.30 0.77 4.69
CA ALA A 156 -3.53 0.39 4.06
C ALA A 156 -4.40 -0.26 5.16
N PRO A 157 -4.92 0.45 6.19
CA PRO A 157 -5.85 -0.12 7.19
C PRO A 157 -7.16 -0.56 6.55
N GLN A 158 -7.97 -1.52 7.08
CA GLN A 158 -9.28 -1.69 6.45
C GLN A 158 -10.25 -0.73 7.10
N CYS A 159 -11.40 -0.56 6.48
CA CYS A 159 -12.23 0.53 6.96
C CYS A 159 -12.92 0.61 8.31
N PRO A 160 -13.14 -0.41 9.13
CA PRO A 160 -13.59 -0.26 10.52
C PRO A 160 -12.68 0.65 11.31
N PHE A 161 -13.15 1.76 11.87
CA PHE A 161 -12.25 2.68 12.55
C PHE A 161 -12.34 2.32 14.03
N PRO A 162 -11.35 2.12 14.88
CA PRO A 162 -9.91 2.09 14.58
C PRO A 162 -9.55 0.70 14.10
N ASP A 163 -8.50 0.70 13.29
CA ASP A 163 -7.93 -0.53 12.83
C ASP A 163 -7.19 -1.16 14.00
N ARG A 164 -7.48 -2.43 14.31
CA ARG A 164 -6.91 -3.15 15.45
C ARG A 164 -5.42 -3.37 15.30
N TYR A 165 -4.94 -3.61 14.09
CA TYR A 165 -3.50 -3.77 13.81
C TYR A 165 -2.70 -2.47 13.65
N LEU A 166 -3.33 -1.50 13.00
CA LEU A 166 -2.68 -0.26 12.62
C LEU A 166 -3.11 0.99 13.36
N GLY A 167 -4.08 1.00 14.26
CA GLY A 167 -4.55 2.20 14.91
C GLY A 167 -3.49 2.90 15.74
N THR A 168 -2.66 2.20 16.51
CA THR A 168 -1.69 2.87 17.35
C THR A 168 -0.60 3.53 16.46
N ALA A 169 -0.14 2.81 15.44
CA ALA A 169 0.78 3.28 14.44
C ALA A 169 0.17 4.52 13.74
N LEU A 170 -1.08 4.54 13.32
CA LEU A 170 -1.64 5.71 12.68
C LEU A 170 -1.72 6.91 13.61
N ASN A 171 -1.92 6.68 14.88
CA ASN A 171 -1.93 7.78 15.84
C ASN A 171 -0.62 8.51 16.07
N THR A 172 0.53 8.01 15.63
CA THR A 172 1.80 8.68 15.82
C THR A 172 1.82 9.95 14.95
N GLY A 173 1.17 9.93 13.80
CA GLY A 173 1.24 11.05 12.87
C GLY A 173 2.43 10.89 11.93
N LEU A 174 3.09 9.74 11.85
CA LEU A 174 4.25 9.58 11.02
C LEU A 174 3.87 9.20 9.61
N PHE A 175 2.59 8.87 9.34
CA PHE A 175 2.25 8.40 8.01
C PHE A 175 1.92 9.46 6.99
N ASP A 176 2.42 9.24 5.79
CA ASP A 176 2.25 10.21 4.75
C ASP A 176 0.96 10.04 4.01
N TYR A 177 0.67 8.82 3.62
CA TYR A 177 -0.51 8.52 2.82
C TYR A 177 -1.11 7.30 3.46
N VAL A 178 -2.41 7.35 3.61
CA VAL A 178 -3.17 6.28 4.22
C VAL A 178 -4.22 5.91 3.18
N TRP A 179 -4.25 4.66 2.69
CA TRP A 179 -5.28 4.29 1.74
C TRP A 179 -6.17 3.27 2.44
N VAL A 180 -7.34 3.74 2.90
CA VAL A 180 -8.23 2.92 3.66
C VAL A 180 -8.96 1.95 2.76
N GLN A 181 -8.94 0.65 3.09
CA GLN A 181 -9.57 -0.39 2.25
C GLN A 181 -11.06 -0.50 2.60
N PHE A 182 -11.89 -0.06 1.66
CA PHE A 182 -13.34 0.02 1.85
C PHE A 182 -13.89 -1.11 1.02
N TYR A 183 -13.45 -2.30 1.40
CA TYR A 183 -13.92 -3.51 0.74
C TYR A 183 -13.69 -4.67 1.72
N ASN A 184 -14.39 -5.79 1.50
CA ASN A 184 -14.37 -6.93 2.41
C ASN A 184 -14.74 -6.57 3.82
N ASN A 185 -15.57 -5.55 3.99
CA ASN A 185 -15.96 -5.12 5.33
C ASN A 185 -17.35 -4.59 5.22
N PRO A 186 -18.42 -5.38 5.31
CA PRO A 186 -19.76 -4.86 5.04
C PRO A 186 -20.16 -3.61 5.81
N PRO A 187 -19.78 -3.32 7.05
CA PRO A 187 -20.37 -2.17 7.74
C PRO A 187 -19.79 -0.83 7.21
N CYS A 188 -18.70 -0.81 6.42
CA CYS A 188 -18.20 0.47 5.96
C CYS A 188 -18.00 0.51 4.47
N GLN A 189 -18.54 -0.43 3.69
CA GLN A 189 -18.20 -0.45 2.29
C GLN A 189 -19.46 -0.10 1.54
N TYR A 190 -19.38 -0.04 0.21
CA TYR A 190 -20.55 0.13 -0.63
C TYR A 190 -21.30 -1.21 -0.78
N SER A 191 -22.64 -1.13 -0.73
CA SER A 191 -23.61 -2.19 -1.00
C SER A 191 -24.60 -1.51 -1.97
N SER A 192 -25.12 -2.11 -3.06
CA SER A 192 -25.98 -1.43 -4.02
C SER A 192 -27.00 -0.44 -3.48
N GLY A 193 -26.87 0.81 -3.95
CA GLY A 193 -27.74 1.90 -3.59
C GLY A 193 -27.26 2.66 -2.36
N ASN A 194 -26.85 1.94 -1.33
CA ASN A 194 -26.44 2.61 -0.10
C ASN A 194 -25.05 3.23 -0.21
N ILE A 195 -24.90 4.54 -0.36
CA ILE A 195 -23.55 5.11 -0.28
C ILE A 195 -23.28 5.59 1.14
N ASN A 196 -24.23 5.55 2.07
CA ASN A 196 -23.93 6.18 3.34
C ASN A 196 -23.07 5.41 4.30
N ASN A 197 -22.82 4.11 4.09
CA ASN A 197 -21.92 3.40 5.01
C ASN A 197 -20.48 3.77 4.69
N ILE A 198 -20.16 3.89 3.40
CA ILE A 198 -18.83 4.30 3.00
C ILE A 198 -18.61 5.79 3.28
N ILE A 199 -19.52 6.73 3.02
CA ILE A 199 -19.28 8.15 3.28
C ILE A 199 -19.10 8.42 4.77
N ASN A 200 -19.93 7.78 5.57
CA ASN A 200 -19.90 7.97 7.00
C ASN A 200 -18.60 7.45 7.57
N SER A 201 -18.06 6.41 6.95
CA SER A 201 -16.80 5.84 7.39
C SER A 201 -15.71 6.79 6.96
N TRP A 202 -15.77 7.29 5.72
CA TRP A 202 -14.81 8.28 5.21
C TRP A 202 -14.68 9.46 6.18
N ASN A 203 -15.80 9.86 6.81
CA ASN A 203 -15.79 10.98 7.73
C ASN A 203 -15.07 10.62 9.01
N ARG A 204 -15.17 9.38 9.50
CA ARG A 204 -14.52 9.01 10.76
C ARG A 204 -13.03 9.08 10.50
N TRP A 205 -12.58 8.53 9.39
CA TRP A 205 -11.16 8.52 9.08
C TRP A 205 -10.62 9.92 8.78
N THR A 206 -11.14 10.72 7.83
CA THR A 206 -10.54 12.01 7.54
C THR A 206 -10.58 12.93 8.76
N THR A 207 -11.51 12.83 9.72
CA THR A 207 -11.42 13.65 10.92
C THR A 207 -10.61 13.03 12.06
N SER A 208 -10.24 11.74 12.03
CA SER A 208 -9.59 11.16 13.19
C SER A 208 -8.11 11.01 13.12
N ILE A 209 -7.53 10.79 11.95
CA ILE A 209 -6.09 10.58 11.98
C ILE A 209 -5.38 11.74 11.29
N ASN A 210 -4.23 11.86 11.89
CA ASN A 210 -3.20 12.86 11.69
C ASN A 210 -2.25 12.26 10.67
N ALA A 211 -2.56 12.50 9.40
CA ALA A 211 -1.77 11.93 8.32
C ALA A 211 -1.75 12.87 7.13
N GLY A 212 -0.79 12.76 6.23
CA GLY A 212 -0.73 13.63 5.06
C GLY A 212 -1.97 13.52 4.19
N LYS A 213 -2.19 12.46 3.43
CA LYS A 213 -3.38 12.40 2.60
C LYS A 213 -4.11 11.07 2.81
N ILE A 214 -5.43 11.03 2.69
CA ILE A 214 -6.17 9.79 2.84
C ILE A 214 -6.77 9.48 1.47
N PHE A 215 -6.69 8.23 1.06
CA PHE A 215 -7.22 7.74 -0.21
C PHE A 215 -8.39 6.80 0.01
N LEU A 216 -9.26 6.70 -0.98
CA LEU A 216 -10.38 5.79 -0.92
C LEU A 216 -9.89 4.49 -1.56
N GLY A 217 -9.65 3.42 -0.81
CA GLY A 217 -9.15 2.16 -1.37
C GLY A 217 -10.30 1.29 -1.87
N LEU A 218 -10.23 0.81 -3.09
CA LEU A 218 -11.30 0.06 -3.69
C LEU A 218 -10.78 -1.17 -4.42
N PRO A 219 -11.58 -2.22 -4.68
CA PRO A 219 -11.30 -3.25 -5.65
C PRO A 219 -11.56 -2.76 -7.05
N ALA A 220 -10.64 -3.14 -7.94
CA ALA A 220 -10.68 -2.73 -9.32
C ALA A 220 -11.57 -3.50 -10.26
N ALA A 221 -12.24 -4.53 -9.74
CA ALA A 221 -13.09 -5.43 -10.51
C ALA A 221 -13.91 -6.17 -9.47
N PRO A 222 -15.11 -6.68 -9.80
CA PRO A 222 -15.90 -7.44 -8.85
C PRO A 222 -15.20 -8.71 -8.42
N GLU A 223 -14.25 -9.22 -9.21
CA GLU A 223 -13.52 -10.45 -8.94
C GLU A 223 -12.35 -10.22 -8.01
N ALA A 224 -11.95 -8.98 -7.73
CA ALA A 224 -10.76 -8.76 -6.90
C ALA A 224 -11.03 -8.85 -5.41
N ALA A 225 -12.27 -8.78 -4.95
CA ALA A 225 -12.55 -8.86 -3.52
C ALA A 225 -13.84 -9.68 -3.34
N GLY A 226 -14.14 -10.14 -2.11
CA GLY A 226 -15.34 -10.93 -1.89
C GLY A 226 -16.51 -10.01 -2.02
N SER A 227 -16.33 -8.83 -1.46
CA SER A 227 -17.33 -7.80 -1.48
C SER A 227 -16.66 -6.41 -1.48
N GLY A 228 -17.46 -5.41 -1.91
CA GLY A 228 -17.04 -4.02 -1.83
C GLY A 228 -16.92 -3.30 -3.16
N TYR A 229 -17.11 -3.93 -4.30
CA TYR A 229 -16.95 -3.28 -5.59
C TYR A 229 -17.92 -2.14 -5.82
N VAL A 230 -17.46 -1.04 -6.39
CA VAL A 230 -18.33 0.08 -6.69
C VAL A 230 -18.29 0.25 -8.20
N PRO A 231 -19.34 0.27 -9.00
CA PRO A 231 -19.26 0.51 -10.43
C PRO A 231 -18.73 1.91 -10.73
N PRO A 232 -17.95 2.15 -11.80
CA PRO A 232 -17.37 3.45 -12.15
C PRO A 232 -18.36 4.62 -12.08
N ASP A 233 -19.50 4.46 -12.74
CA ASP A 233 -20.52 5.48 -12.73
C ASP A 233 -21.03 5.89 -11.35
N VAL A 234 -21.06 5.00 -10.34
CA VAL A 234 -21.52 5.35 -8.98
C VAL A 234 -20.39 6.12 -8.29
N LEU A 235 -19.15 5.69 -8.54
CA LEU A 235 -18.01 6.30 -7.91
C LEU A 235 -17.95 7.80 -8.32
N ILE A 236 -17.98 8.02 -9.63
CA ILE A 236 -17.94 9.33 -10.24
C ILE A 236 -19.18 10.15 -9.94
N SER A 237 -20.40 9.60 -9.97
CA SER A 237 -21.59 10.42 -9.72
C SER A 237 -21.87 10.66 -8.29
N ARG A 238 -21.58 9.74 -7.38
CA ARG A 238 -22.11 9.87 -6.02
C ARG A 238 -21.12 9.88 -4.87
N ILE A 239 -20.05 9.10 -4.98
CA ILE A 239 -19.05 9.08 -3.93
C ILE A 239 -17.99 10.20 -4.08
N LEU A 240 -17.21 10.30 -5.17
CA LEU A 240 -16.14 11.31 -5.29
C LEU A 240 -16.62 12.75 -5.14
N PRO A 241 -17.79 13.21 -5.62
CA PRO A 241 -18.31 14.54 -5.38
C PRO A 241 -18.33 14.89 -3.92
N GLU A 242 -18.58 13.91 -3.05
CA GLU A 242 -18.61 14.18 -1.62
C GLU A 242 -17.23 14.04 -0.99
N ILE A 243 -16.40 13.06 -1.36
CA ILE A 243 -15.13 12.95 -0.60
C ILE A 243 -14.04 13.92 -1.07
N LYS A 244 -14.11 14.42 -2.30
CA LYS A 244 -13.17 15.40 -2.79
C LYS A 244 -13.30 16.73 -2.05
N LYS A 245 -14.41 17.03 -1.34
CA LYS A 245 -14.47 18.27 -0.54
C LYS A 245 -13.47 18.27 0.60
N SER A 246 -13.08 17.07 1.08
CA SER A 246 -12.19 16.99 2.21
C SER A 246 -10.81 17.53 1.82
N PRO A 247 -10.18 18.46 2.54
CA PRO A 247 -8.80 18.84 2.33
C PRO A 247 -7.77 17.73 2.39
N LYS A 248 -8.06 16.64 3.14
CA LYS A 248 -7.15 15.50 3.26
C LYS A 248 -7.32 14.51 2.11
N TYR A 249 -8.27 14.65 1.19
CA TYR A 249 -8.43 13.76 0.08
C TYR A 249 -7.13 13.73 -0.74
N GLY A 250 -6.65 12.51 -1.01
CA GLY A 250 -5.48 12.25 -1.79
C GLY A 250 -5.81 11.64 -3.14
N GLY A 251 -6.87 10.85 -3.23
CA GLY A 251 -7.19 10.17 -4.47
C GLY A 251 -7.82 8.82 -4.13
N VAL A 252 -7.71 7.88 -5.06
CA VAL A 252 -8.28 6.55 -4.96
C VAL A 252 -7.10 5.51 -4.95
N MET A 253 -7.15 4.37 -4.23
CA MET A 253 -6.15 3.30 -4.32
C MET A 253 -6.85 2.06 -4.89
N LEU A 254 -6.23 1.23 -5.73
CA LEU A 254 -6.95 0.11 -6.32
C LEU A 254 -6.23 -1.22 -6.10
N TRP A 255 -6.90 -2.19 -5.47
CA TRP A 255 -6.34 -3.52 -5.36
C TRP A 255 -6.47 -4.22 -6.74
N SER A 256 -5.18 -4.32 -7.09
CA SER A 256 -4.52 -4.84 -8.23
C SER A 256 -4.59 -4.32 -9.63
N LYS A 257 -3.32 -4.17 -10.08
CA LYS A 257 -2.97 -3.85 -11.45
C LYS A 257 -3.63 -4.88 -12.38
N PHE A 258 -3.53 -6.17 -11.99
CA PHE A 258 -4.09 -7.29 -12.74
C PHE A 258 -5.55 -7.04 -13.01
N TYR A 259 -6.32 -6.76 -11.97
CA TYR A 259 -7.74 -6.57 -12.15
C TYR A 259 -8.07 -5.30 -12.85
N ASP A 260 -7.28 -4.26 -12.59
CA ASP A 260 -7.48 -3.00 -13.22
C ASP A 260 -7.39 -3.15 -14.73
N ASP A 261 -6.46 -3.97 -15.27
CA ASP A 261 -6.36 -4.20 -16.71
C ASP A 261 -7.53 -4.92 -17.34
N LYS A 262 -8.01 -5.96 -16.64
CA LYS A 262 -9.12 -6.74 -17.13
C LYS A 262 -10.38 -5.89 -17.09
N ASN A 263 -10.50 -5.03 -16.09
CA ASN A 263 -11.74 -4.27 -15.94
C ASN A 263 -11.72 -2.86 -16.49
N GLY A 264 -10.53 -2.26 -16.77
CA GLY A 264 -10.42 -0.88 -17.25
C GLY A 264 -11.07 0.10 -16.29
N TYR A 265 -10.72 0.08 -15.00
CA TYR A 265 -11.32 0.90 -13.97
C TYR A 265 -10.61 2.24 -13.96
N SER A 266 -9.28 2.29 -13.81
CA SER A 266 -8.50 3.49 -14.04
C SER A 266 -8.90 4.24 -15.29
N SER A 267 -8.94 3.58 -16.45
CA SER A 267 -9.37 4.18 -17.70
C SER A 267 -10.70 4.84 -17.48
N SER A 268 -11.64 4.27 -16.73
CA SER A 268 -12.92 4.95 -16.54
C SER A 268 -12.93 6.12 -15.57
N ILE A 269 -12.11 6.13 -14.52
CA ILE A 269 -12.23 7.13 -13.48
C ILE A 269 -11.10 8.14 -13.42
N LEU A 270 -10.02 7.94 -14.20
CA LEU A 270 -8.79 8.71 -14.07
C LEU A 270 -9.01 10.22 -14.05
N ASP A 271 -9.90 10.82 -14.85
CA ASP A 271 -9.99 12.28 -14.79
C ASP A 271 -10.83 12.81 -13.66
N SER A 272 -11.68 11.97 -13.08
CA SER A 272 -12.48 12.40 -11.96
C SER A 272 -11.81 12.38 -10.60
N VAL A 273 -10.63 11.77 -10.45
CA VAL A 273 -9.92 11.61 -9.18
C VAL A 273 -9.14 12.88 -8.80
C1 NAG B . -4.98 -11.94 -2.21
C2 NAG B . -5.04 -12.31 -3.71
C3 NAG B . -4.17 -13.59 -3.87
C4 NAG B . -2.80 -13.33 -3.27
C5 NAG B . -2.84 -12.80 -1.84
C6 NAG B . -1.49 -12.47 -1.23
C7 NAG B . -7.05 -11.77 -5.12
C8 NAG B . -8.51 -12.04 -5.46
N2 NAG B . -6.45 -12.48 -4.14
O1 NAG B . -5.81 -10.85 -1.94
O3 NAG B . -4.04 -13.99 -5.20
O4 NAG B . -2.06 -14.57 -3.20
O5 NAG B . -3.66 -11.63 -1.82
O6 NAG B . -1.66 -12.00 0.11
O7 NAG B . -6.42 -10.90 -5.75
C1 NAG B . -1.22 -14.84 -4.28
C2 NAG B . -0.05 -15.63 -3.78
C3 NAG B . 0.89 -15.90 -4.95
C4 NAG B . 0.05 -16.46 -6.09
C5 NAG B . -1.17 -15.61 -6.42
C6 NAG B . -2.06 -16.15 -7.52
C7 NAG B . 0.91 -15.17 -1.56
C8 NAG B . 1.51 -14.22 -0.55
N2 NAG B . 0.58 -14.77 -2.78
O3 NAG B . 1.92 -16.80 -4.55
O4 NAG B . 0.81 -16.51 -7.30
O5 NAG B . -1.93 -15.49 -5.27
O6 NAG B . -2.53 -17.45 -7.20
O7 NAG B . 0.80 -16.37 -1.27
C1 NAG B . 1.43 -17.72 -7.67
C2 NAG B . 1.79 -17.57 -9.11
C3 NAG B . 2.54 -18.79 -9.54
C4 NAG B . 3.78 -18.96 -8.73
C5 NAG B . 3.42 -19.00 -7.24
C6 NAG B . 4.64 -18.95 -6.34
C7 NAG B . 0.59 -16.27 -10.79
C8 NAG B . -0.61 -16.14 -11.72
N2 NAG B . 0.66 -17.36 -10.01
O3 NAG B . 2.92 -18.67 -10.89
O4 NAG B . 4.35 -20.17 -9.20
O5 NAG B . 2.61 -17.87 -6.91
O6 NAG B . 4.27 -18.57 -5.05
O7 NAG B . 1.44 -15.35 -10.76
#